data_6Y3V
#
_entry.id   6Y3V
#
_cell.length_a   82.683
_cell.length_b   112.054
_cell.length_c   62.578
_cell.angle_alpha   90.00
_cell.angle_beta   90.00
_cell.angle_gamma   90.00
#
_symmetry.space_group_name_H-M   'C 2 2 21'
#
loop_
_entity.id
_entity.type
_entity.pdbx_description
1 polymer '14-3-3 protein sigma'
2 polymer 'c-Jun peptide'
3 non-polymer 'MAGNESIUM ION'
4 non-polymer 'CALCIUM ION'
5 water water
#
loop_
_entity_poly.entity_id
_entity_poly.type
_entity_poly.pdbx_seq_one_letter_code
_entity_poly.pdbx_strand_id
1 'polypeptide(L)'
;GAMGSMERASLIQKAKLAEQAERYEDMAAFMKGAVEKGEELSCEERNLLSVAYKNVVGGQRAAWRVLSSIEQKSNEEGSE
EKGPEVREYREKVETELQGVCDTVLGLLDSHLIKEAGDAESRVFYLKMKGDYYRYLAEVATGDDKKRIIDSARSAYQEAM
DISKKEMPPTNPIRLGLALNFSVFHYEIANSPEEAISLAKTTFDEAMADLHTLSEDSYKDSTLIMQLLRDNLTLWTADNA
GEEGGEAPQEPQS
;
A
2 'polypeptide(L)' NRVAA(SEP)KCRKRK P
#
loop_
_chem_comp.id
_chem_comp.type
_chem_comp.name
_chem_comp.formula
CA non-polymer 'CALCIUM ION' 'Ca 2'
MG non-polymer 'MAGNESIUM ION' 'Mg 2'
#
# COMPACT_ATOMS: atom_id res chain seq x y z
N GLY A 1 -1.87 -10.61 22.79
CA GLY A 1 -1.81 -11.13 21.43
C GLY A 1 -1.27 -12.55 21.39
N ALA A 2 -1.72 -13.32 20.40
CA ALA A 2 -1.34 -14.74 20.33
C ALA A 2 0.13 -14.94 20.02
N MET A 3 0.82 -13.91 19.53
CA MET A 3 2.26 -13.99 19.30
C MET A 3 3.07 -13.47 20.48
N GLY A 4 2.40 -13.09 21.57
CA GLY A 4 3.10 -12.47 22.68
C GLY A 4 4.14 -13.36 23.35
N SER A 5 3.96 -14.69 23.26
CA SER A 5 4.89 -15.60 23.89
C SER A 5 6.04 -16.04 22.97
N MET A 6 6.04 -15.63 21.70
CA MET A 6 7.08 -16.06 20.77
C MET A 6 8.16 -14.99 20.67
N GLU A 7 9.41 -15.44 20.60
CA GLU A 7 10.55 -14.54 20.45
C GLU A 7 10.43 -13.71 19.17
N ARG A 8 10.88 -12.46 19.26
CA ARG A 8 10.90 -11.60 18.08
C ARG A 8 11.66 -12.24 16.92
N ALA A 9 12.84 -12.81 17.21
CA ALA A 9 13.61 -13.42 16.13
C ALA A 9 12.88 -14.61 15.52
N SER A 10 12.15 -15.38 16.34
CA SER A 10 11.42 -16.52 15.80
C SER A 10 10.24 -16.07 14.96
N LEU A 11 9.59 -14.97 15.35
CA LEU A 11 8.53 -14.43 14.50
C LEU A 11 9.07 -14.03 13.14
N ILE A 12 10.23 -13.36 13.11
CA ILE A 12 10.82 -12.97 11.84
C ILE A 12 11.18 -14.19 11.01
N GLN A 13 11.79 -15.18 11.65
CA GLN A 13 12.15 -16.42 10.96
C GLN A 13 10.91 -17.07 10.35
N LYS A 14 9.84 -17.17 11.14
CA LYS A 14 8.61 -17.79 10.64
C LYS A 14 7.93 -16.94 9.57
N ALA A 15 8.02 -15.61 9.66
CA ALA A 15 7.46 -14.79 8.58
C ALA A 15 8.14 -15.13 7.26
N LYS A 16 9.46 -15.33 7.28
CA LYS A 16 10.18 -15.66 6.04
C LYS A 16 9.80 -17.04 5.52
N LEU A 17 9.58 -17.98 6.43
CA LEU A 17 9.12 -19.32 6.02
C LEU A 17 7.73 -19.25 5.43
N ALA A 18 6.84 -18.47 6.06
CA ALA A 18 5.49 -18.30 5.54
C ALA A 18 5.51 -17.68 4.15
N GLU A 19 6.41 -16.72 3.92
CA GLU A 19 6.53 -16.17 2.57
C GLU A 19 6.91 -17.25 1.57
N GLN A 20 7.89 -18.10 1.91
CA GLN A 20 8.31 -19.15 1.00
C GLN A 20 7.17 -20.12 0.70
N ALA A 21 6.30 -20.34 1.68
CA ALA A 21 5.16 -21.25 1.53
C ALA A 21 3.94 -20.54 0.97
N GLU A 22 4.06 -19.26 0.61
CA GLU A 22 2.94 -18.46 0.13
C GLU A 22 1.76 -18.46 1.12
N ARG A 23 2.06 -18.41 2.41
CA ARG A 23 1.07 -18.36 3.47
C ARG A 23 1.05 -16.94 4.03
N TYR A 24 0.42 -16.04 3.27
CA TYR A 24 0.56 -14.62 3.56
C TYR A 24 -0.24 -14.16 4.77
N GLU A 25 -1.37 -14.82 5.07
CA GLU A 25 -2.07 -14.53 6.31
C GLU A 25 -1.20 -14.85 7.52
N ASP A 26 -0.54 -16.01 7.50
CA ASP A 26 0.39 -16.35 8.58
C ASP A 26 1.52 -15.35 8.63
N MET A 27 2.08 -15.02 7.47
CA MET A 27 3.18 -14.08 7.42
C MET A 27 2.81 -12.76 8.07
N ALA A 28 1.61 -12.26 7.76
CA ALA A 28 1.15 -11.00 8.34
C ALA A 28 0.98 -11.11 9.84
N ALA A 29 0.40 -12.22 10.31
CA ALA A 29 0.25 -12.40 11.76
C ALA A 29 1.60 -12.45 12.47
N PHE A 30 2.57 -13.13 11.86
CA PHE A 30 3.91 -13.16 12.46
C PHE A 30 4.52 -11.77 12.51
N MET A 31 4.38 -11.00 11.43
CA MET A 31 4.97 -9.66 11.40
C MET A 31 4.23 -8.70 12.33
N LYS A 32 2.91 -8.85 12.49
CA LYS A 32 2.20 -8.08 13.51
C LYS A 32 2.75 -8.38 14.90
N GLY A 33 2.96 -9.65 15.20
CA GLY A 33 3.55 -10.00 16.48
C GLY A 33 4.93 -9.38 16.66
N ALA A 34 5.73 -9.37 15.59
CA ALA A 34 7.06 -8.77 15.69
C ALA A 34 6.99 -7.26 15.93
N VAL A 35 6.10 -6.56 15.22
CA VAL A 35 5.93 -5.13 15.46
C VAL A 35 5.53 -4.87 16.91
N GLU A 36 4.62 -5.69 17.44
CA GLU A 36 4.12 -5.48 18.80
C GLU A 36 5.16 -5.75 19.88
N LYS A 37 6.33 -6.29 19.52
CA LYS A 37 7.41 -6.36 20.50
C LYS A 37 7.91 -4.98 20.90
N GLY A 38 7.67 -3.96 20.07
CA GLY A 38 7.96 -2.60 20.44
C GLY A 38 9.26 -2.04 19.92
N GLU A 39 10.13 -2.88 19.37
CA GLU A 39 11.38 -2.40 18.81
C GLU A 39 11.16 -1.92 17.38
N GLU A 40 12.01 -0.99 16.93
CA GLU A 40 11.93 -0.56 15.55
C GLU A 40 12.27 -1.70 14.61
N LEU A 41 11.84 -1.57 13.35
CA LEU A 41 12.05 -2.59 12.33
C LEU A 41 13.23 -2.19 11.45
N SER A 42 14.06 -3.16 11.12
CA SER A 42 15.10 -2.94 10.12
C SER A 42 14.47 -2.84 8.72
N CYS A 43 15.32 -2.50 7.74
CA CYS A 43 14.82 -2.37 6.37
C CYS A 43 14.23 -3.67 5.85
N GLU A 44 14.92 -4.78 6.10
CA GLU A 44 14.40 -6.08 5.67
C GLU A 44 13.08 -6.39 6.38
N GLU A 45 13.00 -6.07 7.66
CA GLU A 45 11.78 -6.36 8.41
C GLU A 45 10.61 -5.50 7.94
N ARG A 46 10.89 -4.23 7.58
CA ARG A 46 9.83 -3.39 7.05
C ARG A 46 9.28 -3.96 5.76
N ASN A 47 10.17 -4.46 4.90
CA ASN A 47 9.73 -5.07 3.64
C ASN A 47 8.88 -6.30 3.91
N LEU A 48 9.24 -7.12 4.90
CA LEU A 48 8.42 -8.29 5.22
C LEU A 48 7.02 -7.89 5.66
N LEU A 49 6.93 -6.85 6.50
CA LEU A 49 5.63 -6.35 6.93
C LEU A 49 4.78 -5.91 5.75
N SER A 50 5.38 -5.13 4.83
CA SER A 50 4.65 -4.64 3.67
C SER A 50 4.24 -5.76 2.73
N VAL A 51 5.15 -6.70 2.44
CA VAL A 51 4.83 -7.82 1.54
C VAL A 51 3.66 -8.62 2.10
N ALA A 52 3.67 -8.91 3.40
CA ALA A 52 2.65 -9.75 3.99
C ALA A 52 1.27 -9.10 3.84
N TYR A 53 1.15 -7.86 4.29
CA TYR A 53 -0.16 -7.22 4.27
C TYR A 53 -0.60 -6.86 2.86
N LYS A 54 0.34 -6.50 1.97
CA LYS A 54 -0.03 -6.21 0.58
C LYS A 54 -0.67 -7.42 -0.07
N ASN A 55 -0.15 -8.61 0.22
CA ASN A 55 -0.69 -9.82 -0.37
C ASN A 55 -2.04 -10.17 0.24
N VAL A 56 -2.18 -10.05 1.56
CA VAL A 56 -3.46 -10.32 2.20
C VAL A 56 -4.53 -9.37 1.66
N VAL A 57 -4.27 -8.07 1.72
CA VAL A 57 -5.28 -7.11 1.29
C VAL A 57 -5.49 -7.20 -0.21
N GLY A 58 -4.45 -7.55 -0.97
CA GLY A 58 -4.62 -7.66 -2.41
C GLY A 58 -5.62 -8.74 -2.79
N GLY A 59 -5.56 -9.88 -2.10
CA GLY A 59 -6.57 -10.91 -2.33
C GLY A 59 -7.96 -10.46 -1.94
N GLN A 60 -8.06 -9.69 -0.84
CA GLN A 60 -9.37 -9.19 -0.42
C GLN A 60 -9.93 -8.20 -1.43
N ARG A 61 -9.07 -7.31 -1.94
CA ARG A 61 -9.52 -6.33 -2.92
C ARG A 61 -9.96 -7.00 -4.22
N ALA A 62 -9.23 -8.01 -4.67
CA ALA A 62 -9.64 -8.72 -5.87
C ALA A 62 -10.99 -9.39 -5.67
N ALA A 63 -11.20 -10.01 -4.50
CA ALA A 63 -12.49 -10.64 -4.24
C ALA A 63 -13.60 -9.61 -4.16
N TRP A 64 -13.34 -8.48 -3.47
CA TRP A 64 -14.34 -7.43 -3.37
C TRP A 64 -14.72 -6.91 -4.76
N ARG A 65 -13.74 -6.78 -5.66
CA ARG A 65 -14.06 -6.28 -6.98
C ARG A 65 -14.95 -7.26 -7.74
N VAL A 66 -14.68 -8.56 -7.61
CA VAL A 66 -15.52 -9.57 -8.25
C VAL A 66 -16.95 -9.45 -7.75
N LEU A 67 -17.12 -9.40 -6.42
CA LEU A 67 -18.45 -9.37 -5.83
C LEU A 67 -19.15 -8.05 -6.11
N SER A 68 -18.41 -6.92 -6.10
CA SER A 68 -19.02 -5.63 -6.40
C SER A 68 -19.57 -5.62 -7.83
N SER A 69 -18.82 -6.19 -8.77
CA SER A 69 -19.26 -6.25 -10.16
C SER A 69 -20.52 -7.09 -10.30
N ILE A 70 -20.58 -8.24 -9.62
CA ILE A 70 -21.80 -9.05 -9.64
C ILE A 70 -22.95 -8.25 -9.06
N GLU A 71 -22.69 -7.52 -7.99
CA GLU A 71 -23.72 -6.69 -7.36
C GLU A 71 -24.19 -5.58 -8.30
N GLN A 72 -23.24 -4.95 -9.00
CA GLN A 72 -23.61 -3.92 -9.98
C GLN A 72 -24.58 -4.47 -11.01
N LYS A 73 -24.24 -5.62 -11.59
CA LYS A 73 -25.07 -6.19 -12.64
C LYS A 73 -26.45 -6.55 -12.11
N SER A 74 -26.53 -7.03 -10.86
CA SER A 74 -27.81 -7.41 -10.29
C SER A 74 -28.76 -6.23 -10.15
N ASN A 75 -28.24 -5.01 -10.12
CA ASN A 75 -29.06 -3.82 -9.95
C ASN A 75 -29.29 -3.06 -11.25
N GLU A 76 -29.11 -3.72 -12.39
CA GLU A 76 -29.41 -3.10 -13.68
C GLU A 76 -30.87 -3.34 -14.05
N GLY A 78 -33.38 -5.16 -16.12
CA GLY A 78 -33.69 -6.46 -16.70
C GLY A 78 -33.17 -7.62 -15.89
N SER A 79 -32.38 -7.32 -14.87
CA SER A 79 -31.79 -8.36 -14.02
C SER A 79 -32.81 -8.85 -13.01
N GLU A 80 -32.86 -10.16 -12.81
CA GLU A 80 -33.82 -10.77 -11.90
C GLU A 80 -33.40 -10.54 -10.45
N GLU A 81 -34.40 -10.33 -9.59
CA GLU A 81 -34.13 -10.16 -8.18
C GLU A 81 -33.70 -11.49 -7.56
N LYS A 82 -32.54 -11.49 -6.90
CA LYS A 82 -31.99 -12.71 -6.33
C LYS A 82 -31.90 -12.70 -4.82
N GLY A 83 -32.39 -11.65 -4.16
CA GLY A 83 -32.35 -11.57 -2.73
C GLY A 83 -31.12 -10.84 -2.23
N PRO A 84 -30.90 -10.91 -0.92
CA PRO A 84 -29.84 -10.10 -0.29
C PRO A 84 -28.46 -10.72 -0.31
N GLU A 85 -28.30 -11.91 -0.92
CA GLU A 85 -27.10 -12.68 -0.67
C GLU A 85 -25.86 -12.02 -1.25
N VAL A 86 -25.96 -11.45 -2.45
CA VAL A 86 -24.78 -10.84 -3.07
C VAL A 86 -24.29 -9.67 -2.23
N ARG A 87 -25.22 -8.79 -1.84
CA ARG A 87 -24.88 -7.67 -0.98
C ARG A 87 -24.28 -8.16 0.34
N GLU A 88 -24.91 -9.15 0.96
CA GLU A 88 -24.41 -9.66 2.25
C GLU A 88 -22.98 -10.15 2.12
N TYR A 89 -22.69 -10.93 1.08
CA TYR A 89 -21.36 -11.51 0.95
C TYR A 89 -20.34 -10.44 0.55
N ARG A 90 -20.73 -9.51 -0.32
CA ARG A 90 -19.85 -8.36 -0.59
C ARG A 90 -19.54 -7.59 0.69
N GLU A 91 -20.56 -7.37 1.52
CA GLU A 91 -20.36 -6.69 2.80
C GLU A 91 -19.43 -7.48 3.72
N LYS A 92 -19.55 -8.81 3.71
CA LYS A 92 -18.69 -9.63 4.57
C LYS A 92 -17.23 -9.45 4.17
N VAL A 93 -16.94 -9.56 2.88
CA VAL A 93 -15.57 -9.42 2.39
C VAL A 93 -15.08 -8.00 2.65
N GLU A 94 -15.97 -7.02 2.45
CA GLU A 94 -15.61 -5.62 2.67
C GLU A 94 -15.24 -5.37 4.12
N THR A 95 -16.02 -5.92 5.05
CA THR A 95 -15.73 -5.74 6.46
C THR A 95 -14.40 -6.38 6.85
N GLU A 96 -14.09 -7.54 6.26
CA GLU A 96 -12.81 -8.20 6.52
C GLU A 96 -11.66 -7.37 5.99
N LEU A 97 -11.80 -6.86 4.76
CA LEU A 97 -10.80 -5.95 4.19
C LEU A 97 -10.60 -4.71 5.07
N GLN A 98 -11.68 -4.07 5.49
CA GLN A 98 -11.55 -2.90 6.36
C GLN A 98 -10.84 -3.25 7.66
N GLY A 99 -11.11 -4.44 8.20
CA GLY A 99 -10.44 -4.86 9.40
C GLY A 99 -8.93 -4.97 9.22
N VAL A 100 -8.48 -5.52 8.09
CA VAL A 100 -7.06 -5.62 7.83
C VAL A 100 -6.44 -4.22 7.69
N CYS A 101 -7.12 -3.33 6.98
CA CYS A 101 -6.59 -1.97 6.83
C CYS A 101 -6.48 -1.28 8.18
N ASP A 102 -7.50 -1.44 9.02
CA ASP A 102 -7.47 -0.85 10.36
C ASP A 102 -6.35 -1.45 11.19
N THR A 103 -6.06 -2.74 11.01
CA THR A 103 -4.98 -3.37 11.75
C THR A 103 -3.64 -2.75 11.36
N VAL A 104 -3.41 -2.61 10.05
CA VAL A 104 -2.15 -2.03 9.58
C VAL A 104 -2.02 -0.60 10.06
N LEU A 105 -3.08 0.20 9.85
CA LEU A 105 -3.06 1.58 10.30
C LEU A 105 -2.80 1.68 11.79
N GLY A 106 -3.34 0.73 12.57
CA GLY A 106 -3.09 0.74 14.00
C GLY A 106 -1.64 0.48 14.35
N LEU A 107 -0.98 -0.43 13.61
CA LEU A 107 0.44 -0.66 13.86
C LEU A 107 1.26 0.57 13.50
N LEU A 108 0.90 1.23 12.40
CA LEU A 108 1.61 2.45 12.04
C LEU A 108 1.43 3.52 13.11
N ASP A 109 0.22 3.63 13.67
CA ASP A 109 -0.05 4.67 14.66
C ASP A 109 0.47 4.31 16.05
N SER A 110 0.59 3.02 16.36
CA SER A 110 1.05 2.55 17.67
C SER A 110 2.10 1.45 17.48
N HIS A 111 3.37 1.83 17.25
CA HIS A 111 3.86 3.22 17.30
C HIS A 111 4.96 3.39 16.26
N LEU A 112 4.79 2.75 15.09
CA LEU A 112 5.87 2.69 14.11
C LEU A 112 6.26 4.07 13.61
N ILE A 113 5.27 4.92 13.30
CA ILE A 113 5.61 6.18 12.66
C ILE A 113 6.33 7.11 13.63
N LYS A 114 5.83 7.22 14.86
CA LYS A 114 6.40 8.18 15.78
C LYS A 114 7.84 7.85 16.16
N GLU A 115 8.26 6.59 16.05
CA GLU A 115 9.63 6.21 16.33
C GLU A 115 10.54 6.24 15.09
N ALA A 116 9.99 6.47 13.90
CA ALA A 116 10.76 6.42 12.66
C ALA A 116 11.38 7.78 12.38
N GLY A 117 12.69 7.88 12.55
CA GLY A 117 13.40 9.14 12.37
C GLY A 117 14.20 9.27 11.09
N ASP A 118 14.74 8.16 10.60
CA ASP A 118 15.46 8.19 9.33
C ASP A 118 14.48 8.31 8.18
N ALA A 119 14.90 9.01 7.12
CA ALA A 119 14.03 9.22 5.97
C ALA A 119 13.51 7.91 5.40
N GLU A 120 14.36 6.89 5.34
CA GLU A 120 13.97 5.66 4.68
C GLU A 120 12.84 4.95 5.42
N SER A 121 12.88 4.97 6.75
CA SER A 121 11.80 4.35 7.51
C SER A 121 10.57 5.24 7.55
N ARG A 122 10.75 6.54 7.75
CA ARG A 122 9.60 7.44 7.86
C ARG A 122 8.81 7.49 6.56
N VAL A 123 9.52 7.61 5.42
CA VAL A 123 8.84 7.60 4.12
C VAL A 123 8.13 6.28 3.89
N PHE A 124 8.81 5.17 4.21
CA PHE A 124 8.20 3.85 4.04
C PHE A 124 6.87 3.76 4.78
N TYR A 125 6.85 4.18 6.05
CA TYR A 125 5.65 4.00 6.86
C TYR A 125 4.55 4.96 6.43
N LEU A 126 4.92 6.18 6.04
CA LEU A 126 3.92 7.13 5.58
C LEU A 126 3.33 6.70 4.25
N LYS A 127 4.14 6.10 3.38
CA LYS A 127 3.59 5.51 2.16
C LYS A 127 2.58 4.41 2.49
N MET A 128 2.92 3.54 3.45
CA MET A 128 1.99 2.50 3.87
C MET A 128 0.69 3.11 4.40
N LYS A 129 0.80 4.17 5.20
CA LYS A 129 -0.41 4.82 5.69
C LYS A 129 -1.28 5.31 4.54
N GLY A 130 -0.66 5.93 3.53
CA GLY A 130 -1.43 6.36 2.37
C GLY A 130 -2.06 5.18 1.64
N ASP A 131 -1.31 4.09 1.51
CA ASP A 131 -1.81 2.92 0.79
C ASP A 131 -3.03 2.35 1.48
N TYR A 132 -2.98 2.20 2.81
CA TYR A 132 -4.08 1.52 3.50
C TYR A 132 -5.31 2.42 3.65
N TYR A 133 -5.11 3.73 3.74
CA TYR A 133 -6.26 4.63 3.61
C TYR A 133 -6.81 4.60 2.18
N ARG A 134 -5.93 4.43 1.18
CA ARG A 134 -6.40 4.31 -0.19
C ARG A 134 -7.28 3.08 -0.36
N TYR A 135 -6.90 1.95 0.25
CA TYR A 135 -7.74 0.77 0.14
C TYR A 135 -9.08 0.96 0.84
N LEU A 136 -9.07 1.63 2.01
CA LEU A 136 -10.34 2.00 2.66
C LEU A 136 -11.17 2.89 1.75
N ALA A 137 -10.54 3.83 1.05
CA ALA A 137 -11.29 4.73 0.17
C ALA A 137 -11.94 3.99 -1.00
N GLU A 138 -11.31 2.92 -1.49
CA GLU A 138 -11.86 2.19 -2.63
C GLU A 138 -13.23 1.60 -2.34
N VAL A 139 -13.51 1.29 -1.07
CA VAL A 139 -14.77 0.68 -0.68
C VAL A 139 -15.68 1.63 0.07
N ALA A 140 -15.25 2.88 0.28
CA ALA A 140 -16.02 3.82 1.06
C ALA A 140 -17.12 4.44 0.22
N THR A 141 -18.26 4.67 0.86
CA THR A 141 -19.39 5.34 0.24
C THR A 141 -20.07 6.38 1.12
N GLY A 142 -19.93 6.30 2.44
CA GLY A 142 -20.74 7.07 3.38
C GLY A 142 -20.16 8.40 3.78
N ASP A 143 -20.48 8.80 5.02
CA ASP A 143 -20.24 10.17 5.49
C ASP A 143 -18.77 10.51 5.53
N ASP A 144 -17.90 9.51 5.70
CA ASP A 144 -16.48 9.76 5.91
C ASP A 144 -15.63 9.46 4.68
N LYS A 145 -16.24 9.24 3.52
CA LYS A 145 -15.45 8.97 2.32
C LYS A 145 -14.48 10.11 2.04
N LYS A 146 -14.93 11.35 2.15
CA LYS A 146 -14.04 12.47 1.88
C LYS A 146 -12.91 12.54 2.91
N ARG A 147 -13.22 12.27 4.18
CA ARG A 147 -12.19 12.31 5.21
C ARG A 147 -11.20 11.16 5.02
N ILE A 148 -11.67 9.99 4.58
CA ILE A 148 -10.77 8.88 4.30
C ILE A 148 -9.83 9.23 3.16
N ILE A 149 -10.38 9.78 2.07
CA ILE A 149 -9.57 10.22 0.94
C ILE A 149 -8.53 11.25 1.38
N ASP A 150 -8.93 12.19 2.23
CA ASP A 150 -7.98 13.21 2.66
C ASP A 150 -6.91 12.64 3.56
N SER A 151 -7.23 11.59 4.32
CA SER A 151 -6.21 10.95 5.14
C SER A 151 -5.16 10.27 4.27
N ALA A 152 -5.60 9.62 3.17
CA ALA A 152 -4.63 9.04 2.25
C ALA A 152 -3.77 10.13 1.62
N ARG A 153 -4.40 11.18 1.09
N ARG A 153 -4.41 11.18 1.08
CA ARG A 153 -3.64 12.27 0.47
CA ARG A 153 -3.69 12.30 0.48
C ARG A 153 -2.64 12.88 1.45
C ARG A 153 -2.65 12.88 1.45
N SER A 154 -3.06 13.11 2.70
CA SER A 154 -2.18 13.76 3.66
C SER A 154 -0.96 12.90 3.96
N ALA A 155 -1.16 11.60 4.13
CA ALA A 155 -0.01 10.72 4.38
C ALA A 155 0.93 10.67 3.17
N TYR A 156 0.38 10.48 1.97
CA TYR A 156 1.22 10.51 0.77
C TYR A 156 1.97 11.82 0.65
N GLN A 157 1.30 12.95 0.94
CA GLN A 157 1.93 14.25 0.77
C GLN A 157 3.10 14.42 1.72
N GLU A 158 2.93 14.04 2.99
CA GLU A 158 4.05 14.13 3.92
C GLU A 158 5.21 13.23 3.50
N ALA A 159 4.91 12.04 2.99
CA ALA A 159 5.97 11.15 2.51
C ALA A 159 6.68 11.75 1.30
N MET A 160 5.92 12.35 0.37
CA MET A 160 6.51 13.01 -0.79
C MET A 160 7.44 14.13 -0.35
N ASP A 161 7.00 14.96 0.60
CA ASP A 161 7.81 16.10 0.99
C ASP A 161 9.16 15.63 1.56
N ILE A 162 9.14 14.62 2.43
CA ILE A 162 10.37 14.09 3.00
C ILE A 162 11.21 13.46 1.90
N SER A 163 10.59 12.64 1.04
CA SER A 163 11.35 11.90 0.05
C SER A 163 12.05 12.84 -0.92
N LYS A 164 11.39 13.92 -1.30
CA LYS A 164 12.01 14.89 -2.19
C LYS A 164 13.21 15.59 -1.54
N LYS A 165 13.12 15.87 -0.24
CA LYS A 165 14.21 16.57 0.44
C LYS A 165 15.37 15.65 0.77
N GLU A 166 15.10 14.38 1.11
CA GLU A 166 16.11 13.53 1.74
C GLU A 166 16.59 12.37 0.87
N MET A 167 15.98 12.11 -0.28
CA MET A 167 16.33 10.93 -1.06
C MET A 167 16.63 11.32 -2.50
N PRO A 168 17.51 10.58 -3.19
CA PRO A 168 17.75 10.85 -4.60
C PRO A 168 16.56 10.43 -5.44
N PRO A 169 16.39 11.02 -6.63
CA PRO A 169 15.20 10.72 -7.43
C PRO A 169 15.12 9.30 -7.93
N THR A 170 16.20 8.51 -7.82
CA THR A 170 16.18 7.10 -8.21
C THR A 170 15.93 6.16 -7.04
N ASN A 171 15.79 6.68 -5.82
CA ASN A 171 15.61 5.81 -4.66
C ASN A 171 14.35 4.97 -4.86
N PRO A 172 14.43 3.64 -4.74
CA PRO A 172 13.24 2.82 -5.02
C PRO A 172 12.06 3.08 -4.10
N ILE A 173 12.30 3.47 -2.84
CA ILE A 173 11.20 3.86 -1.97
C ILE A 173 10.52 5.11 -2.51
N ARG A 174 11.31 6.13 -2.85
CA ARG A 174 10.76 7.34 -3.43
C ARG A 174 9.99 7.04 -4.71
N LEU A 175 10.52 6.15 -5.56
CA LEU A 175 9.84 5.82 -6.80
C LEU A 175 8.52 5.09 -6.55
N GLY A 176 8.52 4.13 -5.63
CA GLY A 176 7.30 3.40 -5.33
C GLY A 176 6.25 4.27 -4.67
N LEU A 177 6.67 5.23 -3.84
CA LEU A 177 5.74 6.19 -3.27
C LEU A 177 5.09 7.01 -4.36
N ALA A 178 5.91 7.57 -5.26
CA ALA A 178 5.37 8.39 -6.34
C ALA A 178 4.44 7.58 -7.23
N LEU A 179 4.81 6.32 -7.52
CA LEU A 179 3.93 5.45 -8.28
C LEU A 179 2.55 5.34 -7.63
N ASN A 180 2.54 5.04 -6.33
CA ASN A 180 1.26 4.84 -5.64
C ASN A 180 0.48 6.13 -5.46
N PHE A 181 1.17 7.25 -5.22
CA PHE A 181 0.47 8.52 -5.12
C PHE A 181 -0.16 8.89 -6.46
N SER A 182 0.54 8.58 -7.56
CA SER A 182 -0.05 8.82 -8.89
C SER A 182 -1.29 7.97 -9.10
N VAL A 183 -1.26 6.71 -8.67
CA VAL A 183 -2.45 5.86 -8.71
C VAL A 183 -3.58 6.44 -7.87
N PHE A 184 -3.27 6.91 -6.67
CA PHE A 184 -4.25 7.60 -5.85
C PHE A 184 -4.92 8.73 -6.64
N HIS A 185 -4.12 9.57 -7.30
CA HIS A 185 -4.69 10.68 -8.06
C HIS A 185 -5.62 10.19 -9.15
N TYR A 186 -5.21 9.15 -9.88
CA TYR A 186 -6.00 8.67 -11.01
C TYR A 186 -7.25 7.97 -10.56
N GLU A 187 -7.14 7.09 -9.57
CA GLU A 187 -8.21 6.17 -9.22
C GLU A 187 -9.10 6.64 -8.08
N ILE A 188 -8.59 7.48 -7.18
CA ILE A 188 -9.30 7.87 -5.98
C ILE A 188 -9.73 9.34 -6.04
N ALA A 189 -8.82 10.23 -6.42
CA ALA A 189 -9.06 11.66 -6.32
C ALA A 189 -9.64 12.27 -7.60
N ASN A 190 -9.95 11.46 -8.60
CA ASN A 190 -10.51 11.98 -9.85
C ASN A 190 -9.62 13.08 -10.45
N SER A 191 -8.31 12.88 -10.38
CA SER A 191 -7.33 13.85 -10.88
C SER A 191 -6.37 13.18 -11.85
N PRO A 192 -6.85 12.72 -13.00
CA PRO A 192 -5.94 12.04 -13.95
C PRO A 192 -4.80 12.92 -14.43
N GLU A 193 -5.01 14.24 -14.58
CA GLU A 193 -3.91 15.08 -15.04
C GLU A 193 -2.79 15.14 -14.01
N GLU A 194 -3.14 15.24 -12.72
CA GLU A 194 -2.13 15.20 -11.67
C GLU A 194 -1.42 13.85 -11.64
N ALA A 195 -2.16 12.77 -11.86
CA ALA A 195 -1.54 11.44 -11.90
C ALA A 195 -0.51 11.34 -13.01
N ILE A 196 -0.87 11.82 -14.20
CA ILE A 196 0.04 11.78 -15.33
C ILE A 196 1.25 12.69 -15.11
N SER A 197 1.00 13.92 -14.64
CA SER A 197 2.10 14.84 -14.38
CA SER A 197 2.10 14.84 -14.39
C SER A 197 3.08 14.26 -13.37
N LEU A 198 2.55 13.67 -12.30
CA LEU A 198 3.43 13.10 -11.27
C LEU A 198 4.23 11.94 -11.83
N ALA A 199 3.57 11.01 -12.55
CA ALA A 199 4.31 9.87 -13.08
C ALA A 199 5.39 10.31 -14.07
N LYS A 200 5.07 11.29 -14.93
CA LYS A 200 6.03 11.74 -15.93
C LYS A 200 7.22 12.43 -15.28
N THR A 201 6.96 13.39 -14.38
CA THR A 201 8.05 14.09 -13.71
C THR A 201 8.92 13.14 -12.89
N THR A 202 8.29 12.17 -12.21
CA THR A 202 9.07 11.17 -11.47
C THR A 202 9.96 10.36 -12.39
N PHE A 203 9.39 9.86 -13.48
CA PHE A 203 10.16 9.08 -14.44
C PHE A 203 11.34 9.90 -14.97
N ASP A 204 11.09 11.14 -15.39
CA ASP A 204 12.13 11.93 -16.04
C ASP A 204 13.25 12.30 -15.07
N GLU A 205 12.90 12.60 -13.81
CA GLU A 205 13.94 12.95 -12.85
C GLU A 205 14.75 11.72 -12.45
N ALA A 206 14.15 10.54 -12.46
CA ALA A 206 14.91 9.33 -12.21
C ALA A 206 15.84 9.02 -13.38
N MET A 207 15.34 9.14 -14.61
CA MET A 207 16.16 8.92 -15.80
C MET A 207 17.46 9.71 -15.71
N ALA A 208 17.36 10.98 -15.32
CA ALA A 208 18.52 11.87 -15.31
C ALA A 208 19.51 11.54 -14.21
N ASP A 209 19.14 10.70 -13.25
CA ASP A 209 19.98 10.35 -12.11
C ASP A 209 20.56 8.94 -12.22
N LEU A 210 20.14 8.17 -13.24
CA LEU A 210 20.61 6.80 -13.37
C LEU A 210 22.12 6.71 -13.54
N HIS A 211 22.74 7.75 -14.13
CA HIS A 211 24.18 7.69 -14.38
C HIS A 211 25.00 7.58 -13.11
N THR A 212 24.42 7.92 -11.95
CA THR A 212 25.14 7.88 -10.68
C THR A 212 25.15 6.51 -10.04
N LEU A 213 24.41 5.55 -10.59
CA LEU A 213 24.13 4.30 -9.92
C LEU A 213 25.04 3.17 -10.38
N SER A 214 25.24 2.23 -9.47
CA SER A 214 25.80 0.93 -9.77
C SER A 214 24.87 0.10 -10.65
N GLU A 215 25.40 -1.01 -11.19
CA GLU A 215 24.58 -1.87 -12.04
C GLU A 215 23.40 -2.43 -11.27
N ASP A 216 23.61 -2.82 -10.02
CA ASP A 216 22.52 -3.39 -9.24
C ASP A 216 21.45 -2.35 -8.91
N SER A 217 21.87 -1.15 -8.50
CA SER A 217 20.92 -0.09 -8.20
C SER A 217 20.19 0.35 -9.46
N TYR A 218 20.91 0.41 -10.59
CA TYR A 218 20.28 0.72 -11.86
C TYR A 218 19.14 -0.25 -12.15
N LYS A 219 19.36 -1.54 -11.92
CA LYS A 219 18.31 -2.53 -12.11
C LYS A 219 17.12 -2.27 -11.20
N ASP A 220 17.39 -2.01 -9.91
CA ASP A 220 16.31 -1.75 -8.95
C ASP A 220 15.46 -0.56 -9.40
N SER A 221 16.12 0.55 -9.77
CA SER A 221 15.38 1.77 -10.08
C SER A 221 14.65 1.65 -11.41
N THR A 222 15.29 1.06 -12.44
CA THR A 222 14.64 0.99 -13.75
C THR A 222 13.41 0.10 -13.72
N LEU A 223 13.36 -0.88 -12.81
CA LEU A 223 12.18 -1.74 -12.72
C LEU A 223 10.97 -0.94 -12.29
N ILE A 224 11.14 -0.07 -11.29
CA ILE A 224 10.02 0.76 -10.84
C ILE A 224 9.69 1.84 -11.87
N MET A 225 10.71 2.36 -12.55
CA MET A 225 10.44 3.31 -13.63
C MET A 225 9.55 2.67 -14.70
N GLN A 226 9.74 1.39 -14.97
CA GLN A 226 8.92 0.72 -15.96
C GLN A 226 7.47 0.67 -15.51
N LEU A 227 7.23 0.51 -14.21
CA LEU A 227 5.86 0.54 -13.69
C LEU A 227 5.22 1.91 -13.89
N LEU A 228 5.99 2.98 -13.70
CA LEU A 228 5.50 4.31 -14.01
C LEU A 228 5.19 4.43 -15.51
N ARG A 229 6.09 3.91 -16.35
CA ARG A 229 5.86 3.95 -17.80
C ARG A 229 4.62 3.15 -18.18
N ASP A 230 4.42 1.99 -17.55
CA ASP A 230 3.24 1.18 -17.83
C ASP A 230 1.97 1.98 -17.57
N ASN A 231 1.94 2.72 -16.46
CA ASN A 231 0.75 3.50 -16.13
C ASN A 231 0.56 4.64 -17.11
N LEU A 232 1.64 5.34 -17.47
CA LEU A 232 1.52 6.44 -18.42
C LEU A 232 0.98 5.94 -19.75
N THR A 233 1.45 4.78 -20.22
CA THR A 233 0.95 4.21 -21.47
C THR A 233 -0.53 3.88 -21.37
N LEU A 234 -0.96 3.36 -20.22
CA LEU A 234 -2.37 3.04 -20.02
C LEU A 234 -3.23 4.30 -19.94
N TRP A 235 -2.69 5.37 -19.34
CA TRP A 235 -3.47 6.56 -19.04
C TRP A 235 -3.44 7.60 -20.14
N THR A 236 -2.51 7.49 -21.10
CA THR A 236 -2.40 8.46 -22.18
C THR A 236 -2.71 7.84 -23.54
N SEP B 6 0.40 -0.53 -8.83
CA SEP B 6 1.05 -0.12 -7.60
CB SEP B 6 0.05 -0.15 -6.44
OG SEP B 6 -0.53 -1.44 -6.31
C SEP B 6 2.26 -1.00 -7.28
O SEP B 6 2.61 -1.88 -8.06
P SEP B 6 -1.73 -1.38 -5.24
O1P SEP B 6 -2.96 -0.56 -5.86
O2P SEP B 6 -1.20 -0.66 -3.90
O3P SEP B 6 -2.20 -2.88 -4.90
MG MG C . -5.08 17.52 -20.31
MG MG D . 2.17 -16.40 21.80
CA CA E . -36.67 -11.96 -15.95
CA CA F . 12.87 -11.81 23.77
#